data_3C9X
#
_entry.id   3C9X
#
_cell.length_a   74.171
_cell.length_b   74.171
_cell.length_c   161.530
_cell.angle_alpha   90.00
_cell.angle_beta   90.00
_cell.angle_gamma   90.00
#
_symmetry.space_group_name_H-M   'P 43 21 2'
#
loop_
_entity.id
_entity.type
_entity.pdbx_description
1 polymer 'Trichoderma reesei Aspartic protease'
2 non-polymer GLYCEROL
3 water water
#
_entity_poly.entity_id   1
_entity_poly.type   'polypeptide(L)'
_entity_poly.pdbx_seq_one_letter_code
;(PCA)TGSAPNHPSDSADSEYITSVSIGTPAQVLPLDFDTGSSDLWVFSSETPKSSATGHAIYTPSKSSTSKKVSGASWS
ISYGDGSSSSGDVYTDKVTIGGFSVNTQGVESATRVSTEFVQDTVISGLVGLAFDSGNQVRPHPQKTWFSNAASSLAEPL
FTADLRHGQNGSYNFGYIDTSVAKGPVAYTPVDNSQGFWEFTASGYSVGGGKLNRNSIDGIADTGTTLLLLDDNVVDAYY
ANVQSAQYDNQQEGVVFDCDEDLPSFSFGVGSSTITIPGDLLNLTPLEEGSSTCFGGLQSSSGIGINIFGDVALKAALVV
FDLGNERLGWAQK
;
_entity_poly.pdbx_strand_id   A
#
# COMPACT_ATOMS: atom_id res chain seq x y z
N THR A 2 -17.09 11.91 -5.64
CA THR A 2 -16.08 10.84 -5.65
C THR A 2 -14.75 11.47 -6.01
N GLY A 3 -13.69 10.66 -5.93
CA GLY A 3 -12.39 11.03 -6.47
C GLY A 3 -11.83 9.83 -7.24
N SER A 4 -11.02 10.10 -8.24
CA SER A 4 -10.34 9.00 -8.93
C SER A 4 -8.97 9.51 -9.26
N ALA A 5 -7.93 8.84 -8.73
CA ALA A 5 -6.55 9.33 -8.90
C ALA A 5 -5.70 8.23 -9.57
N PRO A 6 -5.21 8.47 -10.79
CA PRO A 6 -4.32 7.45 -11.41
C PRO A 6 -3.08 7.16 -10.57
N ASN A 7 -2.66 5.89 -10.54
CA ASN A 7 -1.38 5.54 -9.91
C ASN A 7 -0.48 4.86 -10.94
N HIS A 8 0.78 4.77 -10.59
CA HIS A 8 1.72 4.02 -11.43
C HIS A 8 2.80 3.35 -10.60
N PRO A 9 3.31 2.20 -11.07
CA PRO A 9 4.45 1.53 -10.45
C PRO A 9 5.71 2.39 -10.59
N SER A 10 6.52 2.42 -9.55
CA SER A 10 7.72 3.28 -9.50
C SER A 10 8.81 2.72 -10.43
N ASP A 11 8.80 1.41 -10.66
CA ASP A 11 9.84 0.76 -11.46
C ASP A 11 9.36 -0.52 -12.07
N SER A 12 10.26 -1.19 -12.79
CA SER A 12 9.91 -2.40 -13.55
C SER A 12 9.53 -3.58 -12.64
N ALA A 13 9.85 -3.49 -11.36
CA ALA A 13 9.52 -4.58 -10.44
C ALA A 13 8.33 -4.22 -9.51
N ASP A 14 7.60 -3.17 -9.86
CA ASP A 14 6.42 -2.73 -9.07
C ASP A 14 6.78 -2.57 -7.60
N SER A 15 7.88 -1.89 -7.32
CA SER A 15 8.32 -1.82 -5.93
C SER A 15 7.32 -1.09 -5.01
N GLU A 16 6.77 0.01 -5.53
CA GLU A 16 5.78 0.81 -4.80
C GLU A 16 4.96 1.53 -5.85
N TYR A 17 3.81 2.10 -5.44
CA TYR A 17 2.90 2.74 -6.38
C TYR A 17 2.79 4.20 -6.00
N ILE A 18 2.85 5.06 -7.02
CA ILE A 18 2.93 6.51 -6.88
C ILE A 18 1.67 7.18 -7.39
N THR A 19 1.10 8.13 -6.64
CA THR A 19 -0.15 8.82 -6.96
C THR A 19 0.02 10.34 -6.69
N SER A 20 -0.47 11.20 -7.56
CA SER A 20 -0.40 12.67 -7.28
C SER A 20 -1.43 13.08 -6.25
N VAL A 21 -1.02 14.00 -5.37
CA VAL A 21 -1.85 14.65 -4.37
C VAL A 21 -1.66 16.18 -4.48
N SER A 22 -2.76 16.93 -4.42
CA SER A 22 -2.66 18.39 -4.43
C SER A 22 -2.89 18.97 -3.03
N ILE A 23 -1.88 19.68 -2.53
CA ILE A 23 -1.96 20.30 -1.22
C ILE A 23 -1.94 21.82 -1.30
N GLY A 24 -2.84 22.48 -0.59
CA GLY A 24 -2.77 23.93 -0.44
C GLY A 24 -3.47 24.75 -1.52
N THR A 25 -3.41 26.06 -1.33
CA THR A 25 -4.06 27.00 -2.20
C THR A 25 -3.07 28.10 -2.60
N PRO A 26 -2.70 28.17 -3.89
CA PRO A 26 -2.95 27.26 -5.02
C PRO A 26 -2.37 25.86 -4.80
N ALA A 27 -2.81 24.90 -5.59
CA ALA A 27 -2.41 23.50 -5.39
C ALA A 27 -0.92 23.30 -5.57
N GLN A 28 -0.30 22.57 -4.62
CA GLN A 28 1.07 22.09 -4.81
C GLN A 28 0.98 20.59 -4.99
N VAL A 29 1.43 20.08 -6.13
CA VAL A 29 1.23 18.70 -6.52
C VAL A 29 2.44 17.89 -6.14
N LEU A 30 2.24 16.89 -5.28
CA LEU A 30 3.30 16.02 -4.79
C LEU A 30 2.98 14.57 -5.14
N PRO A 31 3.99 13.83 -5.57
CA PRO A 31 3.81 12.37 -5.67
C PRO A 31 3.96 11.64 -4.35
N LEU A 32 2.91 10.95 -3.88
CA LEU A 32 2.96 10.32 -2.55
C LEU A 32 2.64 8.83 -2.66
N ASP A 33 3.07 8.10 -1.66
CA ASP A 33 2.86 6.65 -1.62
C ASP A 33 1.63 6.39 -0.72
N PHE A 34 0.52 5.95 -1.32
CA PHE A 34 -0.70 5.61 -0.57
C PHE A 34 -0.44 4.32 0.19
N ASP A 35 -0.58 4.35 1.52
CA ASP A 35 -0.11 3.24 2.33
C ASP A 35 -1.19 2.75 3.28
N THR A 36 -1.86 1.65 2.96
CA THR A 36 -2.94 1.19 3.86
C THR A 36 -2.39 0.47 5.11
N GLY A 37 -1.06 0.44 5.22
CA GLY A 37 -0.38 -0.13 6.39
C GLY A 37 0.08 0.96 7.38
N SER A 38 -0.21 2.22 7.11
CA SER A 38 0.12 3.23 8.12
C SER A 38 -0.94 4.33 8.18
N SER A 39 -0.80 5.26 9.12
CA SER A 39 -1.88 6.18 9.39
C SER A 39 -1.49 7.65 9.41
N ASP A 40 -0.30 7.98 8.93
CA ASP A 40 0.16 9.35 8.90
C ASP A 40 0.28 9.87 7.48
N LEU A 41 -0.24 11.07 7.26
CA LEU A 41 0.00 11.73 5.97
C LEU A 41 1.18 12.68 6.22
N TRP A 42 2.33 12.36 5.66
CA TRP A 42 3.53 13.18 5.89
C TRP A 42 4.23 13.50 4.60
N VAL A 43 4.86 14.68 4.51
CA VAL A 43 5.44 15.11 3.23
C VAL A 43 6.82 15.73 3.45
N PHE A 44 7.62 15.66 2.40
CA PHE A 44 8.85 16.47 2.28
C PHE A 44 8.33 17.91 2.11
N SER A 45 8.94 18.85 2.81
CA SER A 45 8.45 20.23 2.80
C SER A 45 9.64 21.19 2.80
N SER A 46 9.30 22.48 2.83
CA SER A 46 10.30 23.52 2.88
C SER A 46 11.08 23.49 4.22
N GLU A 47 10.58 22.73 5.19
CA GLU A 47 11.25 22.53 6.47
C GLU A 47 12.10 21.25 6.53
N THR A 48 12.03 20.43 5.49
CA THR A 48 12.86 19.22 5.42
C THR A 48 14.27 19.72 5.07
N PRO A 49 15.29 19.18 5.73
CA PRO A 49 16.68 19.59 5.43
C PRO A 49 16.92 19.55 3.91
N LYS A 50 17.56 20.58 3.36
CA LYS A 50 17.66 20.68 1.89
C LYS A 50 18.49 19.53 1.32
N SER A 51 19.42 19.01 2.13
CA SER A 51 20.30 17.90 1.74
C SER A 51 19.46 16.62 1.65
N SER A 52 18.37 16.55 2.41
CA SER A 52 17.45 15.38 2.30
C SER A 52 16.42 15.52 1.22
N ALA A 53 15.93 16.75 0.99
CA ALA A 53 14.81 16.98 0.09
C ALA A 53 15.24 17.26 -1.36
N THR A 54 16.54 17.49 -1.59
CA THR A 54 16.93 17.86 -2.94
C THR A 54 16.46 16.81 -3.97
N GLY A 55 15.93 17.30 -5.08
CA GLY A 55 15.41 16.43 -6.12
C GLY A 55 13.99 15.92 -5.87
N HIS A 56 13.43 16.18 -4.68
CA HIS A 56 12.05 15.74 -4.41
C HIS A 56 11.13 16.95 -4.52
N ALA A 57 9.91 16.79 -5.03
CA ALA A 57 8.90 17.82 -4.90
C ALA A 57 8.63 18.04 -3.43
N ILE A 58 8.40 19.30 -3.05
CA ILE A 58 8.09 19.63 -1.65
C ILE A 58 6.87 20.49 -1.48
N TYR A 59 6.34 20.40 -0.29
CA TYR A 59 5.22 21.26 0.17
C TYR A 59 5.77 22.48 0.91
N THR A 60 5.40 23.70 0.47
CA THR A 60 5.80 24.90 1.18
C THR A 60 4.57 25.57 1.80
N PRO A 61 4.33 25.37 3.09
CA PRO A 61 3.10 25.93 3.68
C PRO A 61 3.02 27.46 3.62
N SER A 62 4.14 28.19 3.67
CA SER A 62 4.01 29.65 3.53
C SER A 62 3.48 30.14 2.16
N LYS A 63 3.47 29.29 1.15
CA LYS A 63 2.97 29.70 -0.15
C LYS A 63 1.50 29.32 -0.37
N SER A 64 0.92 28.74 0.67
CA SER A 64 -0.48 28.34 0.65
C SER A 64 -1.30 29.21 1.58
N SER A 65 -2.33 29.85 1.03
CA SER A 65 -3.17 30.76 1.77
C SER A 65 -4.10 30.03 2.77
N THR A 66 -4.15 28.69 2.71
CA THR A 66 -5.06 27.91 3.55
C THR A 66 -4.31 27.10 4.60
N SER A 67 -2.99 27.20 4.63
CA SER A 67 -2.23 26.44 5.63
C SER A 67 -2.34 27.06 7.01
N LYS A 68 -2.24 26.24 8.03
CA LYS A 68 -2.19 26.71 9.40
C LYS A 68 -1.29 25.80 10.18
N LYS A 69 -0.26 26.33 10.83
CA LYS A 69 0.51 25.45 11.74
C LYS A 69 -0.33 24.97 12.95
N VAL A 70 -0.16 23.71 13.35
CA VAL A 70 -0.84 23.22 14.51
C VAL A 70 0.12 23.36 15.69
N SER A 71 -0.17 24.35 16.51
CA SER A 71 0.69 24.63 17.63
C SER A 71 0.87 23.42 18.58
N GLY A 72 2.11 23.13 18.93
CA GLY A 72 2.38 22.07 19.91
C GLY A 72 2.37 20.64 19.37
N ALA A 73 2.10 20.47 18.08
CA ALA A 73 1.96 19.11 17.56
C ALA A 73 3.30 18.59 17.02
N SER A 74 3.61 17.32 17.26
CA SER A 74 4.81 16.72 16.66
C SER A 74 4.46 15.29 16.25
N TRP A 75 5.33 14.65 15.47
CA TRP A 75 5.10 13.26 15.07
C TRP A 75 6.43 12.62 14.79
N SER A 76 6.50 11.30 14.98
CA SER A 76 7.69 10.54 14.66
C SER A 76 7.19 9.15 14.25
N ILE A 77 7.86 8.52 13.29
CA ILE A 77 7.39 7.22 12.83
C ILE A 77 8.63 6.39 12.43
N SER A 78 8.53 5.08 12.65
CA SER A 78 9.46 4.06 12.12
C SER A 78 8.62 3.03 11.39
N TYR A 79 9.07 2.63 10.21
CA TYR A 79 8.28 1.74 9.39
C TYR A 79 8.79 0.31 9.50
N GLY A 80 8.08 -0.60 8.83
CA GLY A 80 8.44 -2.00 8.81
C GLY A 80 9.86 -2.19 8.39
N ASP A 81 10.28 -1.47 7.35
CA ASP A 81 11.61 -1.64 6.75
C ASP A 81 12.79 -0.93 7.47
N GLY A 82 12.52 -0.36 8.65
CA GLY A 82 13.56 0.37 9.35
C GLY A 82 13.74 1.84 8.94
N SER A 83 13.03 2.31 7.90
CA SER A 83 13.08 3.74 7.54
C SER A 83 12.29 4.52 8.59
N SER A 84 12.43 5.85 8.56
CA SER A 84 11.83 6.67 9.61
C SER A 84 11.72 8.11 9.16
N SER A 85 10.94 8.87 9.91
CA SER A 85 10.82 10.30 9.68
C SER A 85 10.06 10.96 10.85
N SER A 86 10.12 12.28 10.92
CA SER A 86 9.53 12.99 12.05
C SER A 86 9.46 14.47 11.74
N GLY A 87 8.65 15.21 12.48
CA GLY A 87 8.48 16.63 12.17
C GLY A 87 7.36 17.31 12.98
N ASP A 88 6.79 18.36 12.39
CA ASP A 88 5.69 19.12 13.03
C ASP A 88 4.50 19.03 12.09
N VAL A 89 3.42 19.76 12.40
CA VAL A 89 2.14 19.48 11.74
C VAL A 89 1.45 20.77 11.30
N TYR A 90 0.83 20.73 10.13
CA TYR A 90 0.08 21.86 9.58
C TYR A 90 -1.28 21.27 9.25
N THR A 91 -2.28 22.13 9.08
CA THR A 91 -3.51 21.68 8.41
C THR A 91 -3.56 22.43 7.09
N ASP A 92 -4.13 21.80 6.08
CA ASP A 92 -4.28 22.44 4.77
C ASP A 92 -5.31 21.66 3.97
N LYS A 93 -5.77 22.26 2.88
CA LYS A 93 -6.65 21.58 1.93
C LYS A 93 -5.84 20.50 1.21
N VAL A 94 -6.36 19.27 1.15
CA VAL A 94 -5.68 18.18 0.42
C VAL A 94 -6.67 17.56 -0.54
N THR A 95 -6.31 17.55 -1.83
CA THR A 95 -7.23 17.08 -2.88
C THR A 95 -6.59 15.89 -3.53
N ILE A 96 -7.36 14.82 -3.62
CA ILE A 96 -6.90 13.59 -4.27
C ILE A 96 -7.94 13.19 -5.33
N GLY A 97 -7.50 13.07 -6.57
CA GLY A 97 -8.38 12.67 -7.67
C GLY A 97 -9.61 13.54 -7.82
N GLY A 98 -9.45 14.85 -7.60
CA GLY A 98 -10.57 15.75 -7.67
C GLY A 98 -11.44 15.93 -6.43
N PHE A 99 -11.22 15.17 -5.37
CA PHE A 99 -12.02 15.29 -4.17
C PHE A 99 -11.19 15.96 -3.07
N SER A 100 -11.74 16.98 -2.43
CA SER A 100 -10.99 17.76 -1.41
C SER A 100 -11.44 17.51 0.01
N VAL A 101 -10.46 17.36 0.89
CA VAL A 101 -10.64 17.53 2.34
C VAL A 101 -10.10 18.91 2.67
N ASN A 102 -10.93 19.74 3.28
CA ASN A 102 -10.50 21.14 3.39
C ASN A 102 -9.53 21.42 4.52
N THR A 103 -9.61 20.64 5.60
CA THR A 103 -8.72 20.86 6.73
C THR A 103 -8.15 19.48 7.12
N GLN A 104 -7.08 19.09 6.45
CA GLN A 104 -6.43 17.81 6.65
C GLN A 104 -5.08 18.02 7.39
N GLY A 105 -4.77 17.16 8.36
CA GLY A 105 -3.43 17.20 8.95
C GLY A 105 -2.34 16.75 7.97
N VAL A 106 -1.37 17.65 7.75
CA VAL A 106 -0.26 17.46 6.83
C VAL A 106 1.03 17.52 7.69
N GLU A 107 1.66 16.36 7.85
CA GLU A 107 2.74 16.20 8.82
C GLU A 107 4.00 16.54 8.03
N SER A 108 4.66 17.64 8.43
CA SER A 108 5.80 18.15 7.68
C SER A 108 7.06 17.57 8.24
N ALA A 109 7.88 16.93 7.39
CA ALA A 109 9.04 16.25 7.92
C ALA A 109 10.21 17.23 8.14
N THR A 110 10.68 17.31 9.37
CA THR A 110 11.93 18.04 9.62
C THR A 110 13.14 17.13 9.66
N ARG A 111 12.92 15.81 9.65
CA ARG A 111 14.01 14.80 9.52
C ARG A 111 13.48 13.57 8.77
N VAL A 112 14.24 13.02 7.83
CA VAL A 112 13.82 11.82 7.11
C VAL A 112 15.00 10.88 6.97
N SER A 113 14.74 9.60 6.95
CA SER A 113 15.85 8.67 6.91
C SER A 113 16.41 8.48 5.51
N THR A 114 17.58 7.86 5.43
CA THR A 114 18.25 7.71 4.16
C THR A 114 17.36 7.03 3.07
N GLU A 115 16.58 6.00 3.44
CA GLU A 115 15.70 5.31 2.51
C GLU A 115 14.82 6.31 1.79
N PHE A 116 14.21 7.21 2.55
CA PHE A 116 13.36 8.19 1.91
C PHE A 116 14.15 9.22 1.08
N VAL A 117 15.29 9.65 1.61
CA VAL A 117 16.11 10.57 0.83
C VAL A 117 16.41 9.99 -0.58
N GLN A 118 16.79 8.72 -0.65
CA GLN A 118 17.21 8.15 -1.91
C GLN A 118 16.07 8.00 -2.92
N ASP A 119 14.83 7.86 -2.41
CA ASP A 119 13.67 7.61 -3.29
C ASP A 119 13.13 8.91 -3.81
N THR A 120 13.80 9.47 -4.81
CA THR A 120 13.51 10.83 -5.24
C THR A 120 12.12 11.00 -5.82
N VAL A 121 11.55 9.93 -6.39
CA VAL A 121 10.22 10.04 -7.02
C VAL A 121 9.01 10.06 -6.05
N ILE A 122 9.28 9.99 -4.74
CA ILE A 122 8.25 10.02 -3.70
C ILE A 122 8.51 11.23 -2.80
N SER A 123 7.45 11.95 -2.45
CA SER A 123 7.55 13.07 -1.53
C SER A 123 6.81 12.89 -0.23
N GLY A 124 6.53 11.64 0.13
CA GLY A 124 5.88 11.34 1.39
C GLY A 124 4.84 10.26 1.21
N LEU A 125 4.01 10.11 2.25
CA LEU A 125 3.04 9.00 2.33
C LEU A 125 1.68 9.53 2.61
N VAL A 126 0.64 8.82 2.11
CA VAL A 126 -0.70 9.07 2.59
C VAL A 126 -1.13 7.81 3.33
N GLY A 127 -1.16 7.92 4.65
CA GLY A 127 -1.54 6.78 5.46
C GLY A 127 -3.03 6.56 5.31
N LEU A 128 -3.37 5.30 5.06
CA LEU A 128 -4.79 4.91 4.88
C LEU A 128 -5.25 3.74 5.73
N ALA A 129 -4.48 3.45 6.79
CA ALA A 129 -4.93 2.53 7.81
C ALA A 129 -5.84 3.32 8.81
N PHE A 130 -6.12 2.72 9.97
CA PHE A 130 -7.15 3.27 10.89
C PHE A 130 -6.60 4.44 11.71
N ASP A 131 -7.49 5.32 12.16
CA ASP A 131 -7.09 6.53 12.84
C ASP A 131 -6.31 6.25 14.12
N SER A 132 -6.61 5.11 14.72
CA SER A 132 -5.96 4.78 16.00
C SER A 132 -4.44 4.71 15.87
N GLY A 133 -3.96 4.44 14.66
CA GLY A 133 -2.53 4.33 14.43
C GLY A 133 -1.76 5.63 14.21
N ASN A 134 -2.47 6.75 14.18
CA ASN A 134 -1.79 7.99 13.78
C ASN A 134 -0.82 8.45 14.88
N GLN A 135 0.34 8.92 14.46
CA GLN A 135 1.45 9.18 15.42
C GLN A 135 1.59 10.63 15.88
N VAL A 136 0.62 11.49 15.57
CA VAL A 136 0.76 12.87 16.02
C VAL A 136 0.43 12.99 17.51
N ARG A 137 1.29 13.71 18.24
CA ARG A 137 1.12 13.96 19.68
C ARG A 137 1.15 15.47 19.93
N PRO A 138 0.36 15.98 20.93
CA PRO A 138 -0.44 15.13 21.83
C PRO A 138 -1.77 14.74 21.23
N HIS A 139 -2.21 15.40 20.15
CA HIS A 139 -3.57 15.09 19.62
C HIS A 139 -3.46 14.41 18.28
N PRO A 140 -3.87 13.14 18.20
CA PRO A 140 -3.72 12.47 16.88
C PRO A 140 -4.53 13.19 15.80
N GLN A 141 -4.00 13.10 14.59
CA GLN A 141 -4.68 13.55 13.36
C GLN A 141 -5.42 12.40 12.69
N LYS A 142 -6.61 12.67 12.14
CA LYS A 142 -7.34 11.67 11.33
C LYS A 142 -6.74 11.52 9.93
N THR A 143 -6.83 10.31 9.37
CA THR A 143 -6.36 10.09 8.01
C THR A 143 -7.20 10.90 7.00
N TRP A 144 -6.57 11.13 5.86
CA TRP A 144 -7.30 11.79 4.76
C TRP A 144 -8.60 11.02 4.46
N PHE A 145 -8.55 9.68 4.46
CA PHE A 145 -9.74 8.90 4.06
C PHE A 145 -10.80 9.02 5.16
N SER A 146 -10.38 8.97 6.42
CA SER A 146 -11.30 9.14 7.52
C SER A 146 -11.97 10.51 7.45
N ASN A 147 -11.19 11.57 7.20
CA ASN A 147 -11.80 12.90 7.06
C ASN A 147 -12.75 12.97 5.86
N ALA A 148 -12.40 12.29 4.78
CA ALA A 148 -13.20 12.40 3.49
C ALA A 148 -14.51 11.59 3.62
N ALA A 149 -14.45 10.53 4.41
CA ALA A 149 -15.46 9.46 4.33
C ALA A 149 -16.87 9.94 4.53
N SER A 150 -17.08 10.90 5.42
CA SER A 150 -18.44 11.32 5.67
C SER A 150 -18.97 12.25 4.56
N SER A 151 -18.09 12.76 3.69
CA SER A 151 -18.44 13.71 2.66
C SER A 151 -18.50 13.02 1.28
N LEU A 152 -18.01 11.78 1.19
CA LEU A 152 -18.02 11.09 -0.12
C LEU A 152 -19.38 10.49 -0.35
N ALA A 153 -19.65 10.06 -1.59
CA ALA A 153 -20.90 9.35 -1.83
C ALA A 153 -21.06 8.12 -0.92
N GLU A 154 -19.99 7.35 -0.82
CA GLU A 154 -19.93 6.24 0.11
C GLU A 154 -18.55 6.21 0.76
N PRO A 155 -18.50 5.73 2.02
CA PRO A 155 -17.25 5.84 2.79
C PRO A 155 -16.33 4.67 2.47
N LEU A 156 -15.86 4.65 1.23
CA LEU A 156 -15.03 3.57 0.81
C LEU A 156 -13.99 4.03 -0.21
N PHE A 157 -12.94 3.25 -0.33
CA PHE A 157 -12.05 3.52 -1.42
C PHE A 157 -11.53 2.22 -2.00
N THR A 158 -11.07 2.28 -3.25
CA THR A 158 -10.65 1.05 -3.88
C THR A 158 -9.20 1.20 -4.36
N ALA A 159 -8.49 0.09 -4.35
CA ALA A 159 -7.14 0.02 -4.94
C ALA A 159 -7.18 -0.85 -6.19
N ASP A 160 -6.72 -0.29 -7.29
CA ASP A 160 -6.55 -1.01 -8.56
C ASP A 160 -5.09 -0.86 -8.95
N LEU A 161 -4.27 -1.83 -8.54
CA LEU A 161 -2.80 -1.82 -8.88
C LEU A 161 -2.57 -2.80 -10.04
N ARG A 162 -1.63 -2.45 -10.94
CA ARG A 162 -1.36 -3.24 -12.13
C ARG A 162 0.14 -3.49 -12.21
N HIS A 163 0.48 -4.59 -12.85
CA HIS A 163 1.87 -4.83 -13.12
C HIS A 163 2.30 -4.03 -14.33
N GLY A 164 3.27 -3.13 -14.17
CA GLY A 164 3.82 -2.43 -15.30
C GLY A 164 2.94 -1.46 -16.06
N GLN A 165 1.77 -1.12 -15.49
CA GLN A 165 0.82 -0.24 -16.15
C GLN A 165 0.15 0.67 -15.10
N ASN A 166 -0.36 1.80 -15.55
CA ASN A 166 -1.14 2.69 -14.67
C ASN A 166 -2.40 2.02 -14.14
N GLY A 167 -2.75 2.36 -12.89
CA GLY A 167 -3.97 1.90 -12.26
C GLY A 167 -4.63 3.09 -11.60
N SER A 168 -5.35 2.84 -10.54
CA SER A 168 -6.17 3.90 -9.94
C SER A 168 -6.47 3.66 -8.48
N TYR A 169 -6.53 4.76 -7.74
CA TYR A 169 -7.04 4.80 -6.40
C TYR A 169 -8.30 5.62 -6.45
N ASN A 170 -9.43 4.98 -6.18
CA ASN A 170 -10.71 5.69 -6.27
C ASN A 170 -11.34 5.86 -4.91
N PHE A 171 -12.10 6.94 -4.77
CA PHE A 171 -12.79 7.20 -3.51
C PHE A 171 -14.28 7.41 -3.72
N GLY A 172 -15.06 6.69 -2.93
CA GLY A 172 -16.50 6.91 -2.83
C GLY A 172 -17.40 6.10 -3.78
N TYR A 173 -16.81 5.21 -4.57
CA TYR A 173 -17.60 4.35 -5.48
C TYR A 173 -16.76 3.13 -5.88
N ILE A 174 -17.41 2.10 -6.42
CA ILE A 174 -16.74 0.85 -6.76
C ILE A 174 -16.79 0.59 -8.25
N ASP A 175 -15.64 0.76 -8.89
CA ASP A 175 -15.61 0.65 -10.37
C ASP A 175 -15.32 -0.79 -10.74
N THR A 176 -16.32 -1.64 -10.62
CA THR A 176 -16.08 -3.05 -10.95
C THR A 176 -15.92 -3.31 -12.42
N SER A 177 -16.03 -2.27 -13.24
CA SER A 177 -15.77 -2.51 -14.66
C SER A 177 -14.30 -2.88 -14.94
N VAL A 178 -13.38 -2.67 -13.97
CA VAL A 178 -12.01 -3.08 -14.15
C VAL A 178 -11.81 -4.57 -13.80
N ALA A 179 -12.86 -5.18 -13.28
CA ALA A 179 -12.78 -6.54 -12.75
C ALA A 179 -13.65 -7.53 -13.56
N LYS A 180 -13.44 -8.82 -13.34
CA LYS A 180 -14.19 -9.82 -14.10
C LYS A 180 -15.08 -10.66 -13.22
N GLY A 181 -15.05 -10.35 -11.92
CA GLY A 181 -15.92 -10.99 -10.98
C GLY A 181 -16.50 -9.96 -10.00
N PRO A 182 -17.44 -10.39 -9.20
CA PRO A 182 -18.07 -9.48 -8.24
C PRO A 182 -17.19 -9.26 -7.03
N VAL A 183 -17.44 -8.18 -6.30
CA VAL A 183 -16.81 -7.98 -4.98
C VAL A 183 -17.31 -9.00 -3.97
N ALA A 184 -16.33 -9.70 -3.36
CA ALA A 184 -16.57 -10.60 -2.25
C ALA A 184 -16.01 -9.96 -0.98
N TYR A 185 -16.80 -9.92 0.10
CA TYR A 185 -16.35 -9.23 1.30
C TYR A 185 -15.97 -10.17 2.43
N THR A 186 -15.10 -9.68 3.31
CA THR A 186 -14.87 -10.36 4.58
C THR A 186 -14.65 -9.27 5.67
N PRO A 187 -14.97 -9.57 6.93
CA PRO A 187 -14.87 -8.51 7.96
C PRO A 187 -13.42 -8.14 8.32
N VAL A 188 -13.25 -6.88 8.68
CA VAL A 188 -11.92 -6.38 9.08
C VAL A 188 -11.86 -6.23 10.58
N ASP A 189 -10.69 -6.55 11.12
CA ASP A 189 -10.41 -6.42 12.55
C ASP A 189 -9.44 -5.26 12.65
N ASN A 190 -9.93 -4.14 13.16
CA ASN A 190 -9.05 -2.99 13.26
C ASN A 190 -8.37 -2.81 14.64
N SER A 191 -8.35 -3.88 15.44
CA SER A 191 -7.79 -3.86 16.81
C SER A 191 -6.35 -3.39 16.88
N GLN A 192 -5.57 -3.70 15.85
CA GLN A 192 -4.17 -3.26 15.78
C GLN A 192 -3.96 -2.08 14.83
N GLY A 193 -5.06 -1.49 14.36
CA GLY A 193 -4.99 -0.31 13.51
C GLY A 193 -4.87 -0.63 12.04
N PHE A 194 -4.86 -1.92 11.65
CA PHE A 194 -4.65 -2.31 10.25
C PHE A 194 -5.91 -2.80 9.57
N TRP A 195 -5.86 -2.93 8.23
CA TRP A 195 -6.91 -3.65 7.51
C TRP A 195 -6.62 -5.17 7.60
N GLU A 196 -6.78 -5.69 8.81
CA GLU A 196 -6.55 -7.13 9.09
C GLU A 196 -7.78 -7.97 8.78
N PHE A 197 -7.56 -9.08 8.09
CA PHE A 197 -8.69 -9.95 7.74
C PHE A 197 -8.23 -11.40 7.81
N THR A 198 -9.19 -12.32 7.70
CA THR A 198 -8.84 -13.72 7.59
C THR A 198 -9.22 -14.32 6.23
N ALA A 199 -8.28 -14.94 5.54
CA ALA A 199 -8.59 -15.68 4.33
C ALA A 199 -8.99 -17.08 4.80
N SER A 200 -9.99 -17.70 4.16
CA SER A 200 -10.50 -18.96 4.73
C SER A 200 -9.68 -20.20 4.39
N GLY A 201 -8.77 -20.04 3.46
CA GLY A 201 -7.85 -21.10 3.08
C GLY A 201 -7.16 -20.71 1.79
N TYR A 202 -6.38 -21.63 1.21
CA TYR A 202 -5.66 -21.34 -0.02
C TYR A 202 -5.50 -22.57 -0.88
N SER A 203 -5.00 -22.34 -2.10
CA SER A 203 -4.65 -23.42 -3.02
C SER A 203 -3.49 -23.02 -3.92
N VAL A 204 -2.68 -24.00 -4.29
CA VAL A 204 -1.56 -23.75 -5.19
C VAL A 204 -1.85 -24.43 -6.54
N GLY A 205 -1.84 -23.68 -7.63
CA GLY A 205 -2.05 -24.23 -8.95
C GLY A 205 -3.46 -24.71 -9.19
N GLY A 206 -4.44 -24.04 -8.59
CA GLY A 206 -5.83 -24.27 -8.96
C GLY A 206 -6.55 -25.55 -8.55
N GLY A 207 -6.04 -26.27 -7.55
CA GLY A 207 -6.91 -27.24 -6.90
C GLY A 207 -7.95 -26.49 -6.09
N LYS A 208 -8.85 -27.25 -5.44
CA LYS A 208 -9.83 -26.72 -4.50
C LYS A 208 -9.21 -26.05 -3.28
N LEU A 209 -9.84 -24.95 -2.82
CA LEU A 209 -9.36 -24.32 -1.58
C LEU A 209 -9.32 -25.27 -0.43
N ASN A 210 -8.21 -25.26 0.31
CA ASN A 210 -8.17 -25.96 1.57
C ASN A 210 -8.84 -25.07 2.63
N ARG A 211 -8.83 -25.51 3.89
CA ARG A 211 -9.42 -24.73 4.96
C ARG A 211 -8.38 -24.30 6.00
N ASN A 212 -7.16 -24.12 5.51
CA ASN A 212 -6.07 -23.60 6.34
C ASN A 212 -6.08 -22.09 6.30
N SER A 213 -6.75 -21.48 7.25
CA SER A 213 -7.03 -20.02 7.15
C SER A 213 -5.76 -19.24 7.42
N ILE A 214 -5.73 -17.98 6.95
CA ILE A 214 -4.54 -17.14 7.01
C ILE A 214 -5.00 -15.78 7.52
N ASP A 215 -4.43 -15.32 8.63
CA ASP A 215 -4.76 -13.96 9.13
C ASP A 215 -3.70 -13.04 8.57
N GLY A 216 -4.07 -11.89 7.99
CA GLY A 216 -3.03 -11.04 7.41
C GLY A 216 -3.59 -9.64 7.21
N ILE A 217 -2.76 -8.73 6.74
CA ILE A 217 -3.23 -7.34 6.54
C ILE A 217 -3.14 -6.97 5.04
N ALA A 218 -4.12 -6.21 4.56
CA ALA A 218 -4.06 -5.71 3.18
C ALA A 218 -3.22 -4.41 3.20
N ASP A 219 -2.06 -4.43 2.54
CA ASP A 219 -1.10 -3.32 2.69
C ASP A 219 -0.54 -2.83 1.37
N THR A 220 -1.06 -1.71 0.88
CA THR A 220 -0.62 -1.16 -0.38
C THR A 220 0.84 -0.70 -0.29
N GLY A 221 1.31 -0.46 0.92
CA GLY A 221 2.69 -0.02 1.08
C GLY A 221 3.74 -1.12 1.20
N THR A 222 3.36 -2.36 1.01
CA THR A 222 4.35 -3.46 1.01
C THR A 222 4.43 -4.08 -0.38
N THR A 223 5.64 -4.31 -0.89
CA THR A 223 5.75 -4.82 -2.24
C THR A 223 5.25 -6.26 -2.41
N LEU A 224 5.63 -7.15 -1.49
CA LEU A 224 5.52 -8.58 -1.74
C LEU A 224 4.23 -9.16 -1.13
N LEU A 225 3.93 -10.41 -1.44
CA LEU A 225 2.92 -11.16 -0.66
C LEU A 225 3.75 -11.96 0.34
N LEU A 226 3.51 -11.73 1.63
CA LEU A 226 4.33 -12.30 2.69
C LEU A 226 3.52 -13.25 3.57
N LEU A 227 3.80 -14.55 3.43
CA LEU A 227 3.01 -15.59 4.08
C LEU A 227 3.89 -16.54 4.89
N ASP A 228 3.27 -17.37 5.72
CA ASP A 228 4.09 -18.15 6.70
C ASP A 228 4.94 -19.23 5.98
N ASP A 229 5.94 -19.80 6.67
CA ASP A 229 6.83 -20.78 6.01
C ASP A 229 6.09 -22.01 5.45
N ASN A 230 5.02 -22.43 6.12
CA ASN A 230 4.21 -23.56 5.63
C ASN A 230 3.56 -23.28 4.28
N VAL A 231 3.02 -22.08 4.11
CA VAL A 231 2.44 -21.70 2.82
C VAL A 231 3.49 -21.51 1.73
N VAL A 232 4.62 -20.92 2.10
CA VAL A 232 5.68 -20.66 1.12
C VAL A 232 6.18 -22.04 0.64
N ASP A 233 6.45 -22.94 1.58
CA ASP A 233 6.88 -24.30 1.23
C ASP A 233 5.89 -24.96 0.30
N ALA A 234 4.59 -24.85 0.61
CA ALA A 234 3.57 -25.40 -0.26
C ALA A 234 3.56 -24.76 -1.65
N TYR A 235 3.76 -23.44 -1.71
CA TYR A 235 3.74 -22.79 -3.02
C TYR A 235 4.88 -23.29 -3.95
N TYR A 236 6.07 -23.40 -3.39
CA TYR A 236 7.27 -23.67 -4.20
C TYR A 236 7.57 -25.15 -4.36
N ALA A 237 6.69 -26.00 -3.80
CA ALA A 237 6.96 -27.43 -3.68
C ALA A 237 7.23 -28.10 -5.02
N ASN A 238 6.55 -27.67 -6.05
CA ASN A 238 6.75 -28.26 -7.36
C ASN A 238 7.34 -27.31 -8.40
N VAL A 239 7.86 -26.17 -7.92
CA VAL A 239 8.66 -25.30 -8.76
C VAL A 239 10.11 -25.80 -8.68
N GLN A 240 10.52 -26.50 -9.73
CA GLN A 240 11.69 -27.33 -9.65
C GLN A 240 12.98 -26.55 -9.41
N SER A 241 13.11 -25.40 -10.04
CA SER A 241 14.31 -24.59 -9.88
C SER A 241 14.30 -23.70 -8.64
N ALA A 242 13.24 -23.74 -7.84
CA ALA A 242 13.19 -22.87 -6.66
C ALA A 242 14.21 -23.19 -5.59
N GLN A 243 14.82 -22.15 -5.03
CA GLN A 243 15.72 -22.30 -3.88
C GLN A 243 15.88 -20.97 -3.17
N TYR A 244 16.12 -21.03 -1.86
CA TYR A 244 16.41 -19.82 -1.09
C TYR A 244 17.80 -19.26 -1.41
N ASP A 245 17.86 -17.98 -1.79
CA ASP A 245 19.11 -17.30 -2.16
C ASP A 245 19.43 -16.33 -1.04
N ASN A 246 20.50 -16.62 -0.31
CA ASN A 246 20.83 -15.86 0.88
C ASN A 246 21.23 -14.40 0.64
N GLN A 247 21.70 -14.08 -0.56
CA GLN A 247 22.02 -12.69 -0.95
C GLN A 247 20.75 -11.87 -1.20
N GLN A 248 19.75 -12.51 -1.83
CA GLN A 248 18.49 -11.88 -2.17
C GLN A 248 17.58 -11.87 -0.97
N GLU A 249 17.88 -12.73 -0.02
CA GLU A 249 17.04 -13.00 1.13
C GLU A 249 15.64 -13.36 0.68
N GLY A 250 15.55 -14.31 -0.24
CA GLY A 250 14.22 -14.75 -0.65
C GLY A 250 14.34 -15.87 -1.64
N VAL A 251 13.22 -16.44 -2.03
CA VAL A 251 13.23 -17.57 -2.92
C VAL A 251 13.37 -17.11 -4.33
N VAL A 252 14.28 -17.72 -5.10
CA VAL A 252 14.41 -17.43 -6.53
C VAL A 252 14.25 -18.72 -7.35
N PHE A 253 14.08 -18.56 -8.65
CA PHE A 253 13.87 -19.69 -9.54
C PHE A 253 14.17 -19.21 -10.97
N ASP A 254 14.30 -20.13 -11.91
CA ASP A 254 14.53 -19.76 -13.31
C ASP A 254 13.38 -18.87 -13.80
N CYS A 255 13.73 -17.82 -14.53
CA CYS A 255 12.74 -16.89 -15.06
C CYS A 255 11.73 -17.54 -15.99
N ASP A 256 12.12 -18.65 -16.61
CA ASP A 256 11.20 -19.29 -17.52
C ASP A 256 10.26 -20.30 -16.84
N GLU A 257 10.31 -20.41 -15.52
CA GLU A 257 9.34 -21.28 -14.83
C GLU A 257 7.91 -20.89 -15.18
N ASP A 258 7.04 -21.90 -15.26
CA ASP A 258 5.62 -21.65 -15.47
C ASP A 258 5.04 -21.80 -14.08
N LEU A 259 5.06 -20.71 -13.31
CA LEU A 259 4.69 -20.79 -11.90
C LEU A 259 3.20 -21.14 -11.72
N PRO A 260 2.88 -21.91 -10.65
CA PRO A 260 1.47 -22.18 -10.33
C PRO A 260 0.73 -20.89 -9.91
N SER A 261 -0.59 -20.85 -10.06
CA SER A 261 -1.32 -19.74 -9.44
C SER A 261 -1.31 -19.90 -7.91
N PHE A 262 -1.68 -18.84 -7.19
CA PHE A 262 -1.90 -18.95 -5.75
C PHE A 262 -3.28 -18.38 -5.46
N SER A 263 -4.18 -19.18 -4.89
CA SER A 263 -5.58 -18.75 -4.69
C SER A 263 -5.84 -18.68 -3.21
N PHE A 264 -6.78 -17.82 -2.79
CA PHE A 264 -7.13 -17.82 -1.37
C PHE A 264 -8.61 -17.45 -1.27
N GLY A 265 -9.19 -17.76 -0.11
CA GLY A 265 -10.62 -17.68 0.09
C GLY A 265 -10.98 -16.41 0.86
N VAL A 266 -11.82 -15.59 0.24
CA VAL A 266 -12.42 -14.44 0.92
C VAL A 266 -13.84 -14.84 1.25
N GLY A 267 -14.07 -15.26 2.48
CA GLY A 267 -15.32 -15.94 2.84
C GLY A 267 -15.32 -17.29 2.15
N SER A 268 -16.25 -17.54 1.25
CA SER A 268 -16.20 -18.75 0.43
C SER A 268 -15.88 -18.47 -1.02
N SER A 269 -15.53 -17.22 -1.32
CA SER A 269 -15.24 -16.84 -2.68
C SER A 269 -13.74 -16.96 -2.98
N THR A 270 -13.39 -17.27 -4.21
CA THR A 270 -11.93 -17.46 -4.52
C THR A 270 -11.34 -16.24 -5.23
N ILE A 271 -10.16 -15.81 -4.77
CA ILE A 271 -9.38 -14.82 -5.52
C ILE A 271 -8.10 -15.55 -5.96
N THR A 272 -7.79 -15.46 -7.23
CA THR A 272 -6.61 -16.16 -7.76
C THR A 272 -5.59 -15.19 -8.31
N ILE A 273 -4.38 -15.31 -7.78
CA ILE A 273 -3.20 -14.61 -8.27
C ILE A 273 -2.50 -15.48 -9.36
N PRO A 274 -2.57 -15.06 -10.61
CA PRO A 274 -2.00 -15.91 -11.69
C PRO A 274 -0.50 -16.07 -11.53
N GLY A 275 0.06 -17.18 -12.03
CA GLY A 275 1.50 -17.35 -11.95
C GLY A 275 2.31 -16.18 -12.49
N ASP A 276 1.84 -15.52 -13.55
CA ASP A 276 2.60 -14.37 -14.04
C ASP A 276 2.89 -13.34 -12.95
N LEU A 277 1.92 -13.12 -12.05
CA LEU A 277 2.09 -12.08 -11.04
C LEU A 277 2.96 -12.51 -9.86
N LEU A 278 3.41 -13.77 -9.83
CA LEU A 278 4.21 -14.28 -8.73
C LEU A 278 5.70 -14.34 -9.15
N ASN A 279 6.00 -13.91 -10.38
CA ASN A 279 7.40 -13.68 -10.77
C ASN A 279 7.65 -12.18 -10.72
N LEU A 280 8.30 -11.71 -9.65
CA LEU A 280 8.47 -10.25 -9.47
C LEU A 280 9.39 -9.62 -10.50
N THR A 281 10.58 -10.19 -10.68
CA THR A 281 11.63 -9.49 -11.40
C THR A 281 12.85 -10.37 -11.59
N PRO A 282 13.54 -10.23 -12.76
CA PRO A 282 14.87 -10.84 -12.94
C PRO A 282 15.80 -10.30 -11.86
N LEU A 283 16.74 -11.10 -11.37
CA LEU A 283 17.66 -10.61 -10.33
C LEU A 283 18.46 -9.38 -10.79
N GLU A 284 18.72 -9.30 -12.08
CA GLU A 284 19.32 -8.10 -12.66
C GLU A 284 19.09 -8.19 -14.16
N GLU A 285 19.31 -7.08 -14.86
CA GLU A 285 19.15 -7.07 -16.32
C GLU A 285 19.77 -8.30 -17.00
N GLY A 286 18.98 -8.95 -17.83
CA GLY A 286 19.39 -10.12 -18.57
C GLY A 286 19.59 -11.38 -17.76
N SER A 287 19.19 -11.37 -16.50
CA SER A 287 19.37 -12.56 -15.68
C SER A 287 18.37 -13.65 -16.01
N SER A 288 18.79 -14.90 -15.88
CA SER A 288 17.92 -16.03 -16.15
C SER A 288 17.29 -16.49 -14.84
N THR A 289 17.64 -15.84 -13.73
CA THR A 289 17.07 -16.10 -12.41
C THR A 289 16.13 -14.95 -11.98
N CYS A 290 14.97 -15.29 -11.41
CA CYS A 290 13.98 -14.30 -11.02
C CYS A 290 13.61 -14.45 -9.57
N PHE A 291 13.11 -13.37 -8.96
CA PHE A 291 12.78 -13.33 -7.52
C PHE A 291 11.26 -13.49 -7.33
N GLY A 292 10.82 -14.37 -6.45
CA GLY A 292 9.38 -14.63 -6.33
C GLY A 292 8.63 -13.50 -5.61
N GLY A 293 7.41 -13.23 -6.10
CA GLY A 293 6.52 -12.28 -5.44
C GLY A 293 5.98 -12.74 -4.11
N LEU A 294 5.99 -14.06 -3.90
CA LEU A 294 5.50 -14.66 -2.68
C LEU A 294 6.72 -15.06 -1.87
N GLN A 295 6.85 -14.54 -0.67
CA GLN A 295 8.01 -14.82 0.16
C GLN A 295 7.55 -14.98 1.60
N SER A 296 8.48 -15.32 2.48
CA SER A 296 8.09 -15.60 3.85
C SER A 296 7.90 -14.36 4.74
N SER A 297 6.85 -14.40 5.57
CA SER A 297 6.62 -13.39 6.61
C SER A 297 7.25 -13.72 7.97
N SER A 298 8.14 -14.71 8.03
CA SER A 298 8.74 -15.10 9.32
C SER A 298 9.52 -13.95 9.98
N GLY A 299 10.21 -13.17 9.16
CA GLY A 299 10.98 -12.04 9.70
C GLY A 299 10.19 -10.87 10.30
N ILE A 300 8.89 -10.77 10.02
CA ILE A 300 8.15 -9.56 10.40
C ILE A 300 7.04 -9.84 11.40
N GLY A 301 6.72 -11.12 11.55
CA GLY A 301 5.74 -11.55 12.50
C GLY A 301 4.30 -11.26 12.15
N ILE A 302 4.00 -10.98 10.88
CA ILE A 302 2.60 -10.81 10.49
C ILE A 302 2.51 -11.12 9.02
N ASN A 303 1.41 -11.73 8.59
CA ASN A 303 1.25 -11.96 7.17
C ASN A 303 0.76 -10.70 6.50
N ILE A 304 1.29 -10.46 5.29
CA ILE A 304 1.01 -9.23 4.60
C ILE A 304 0.58 -9.49 3.16
N PHE A 305 -0.66 -9.10 2.85
CA PHE A 305 -1.14 -9.18 1.49
C PHE A 305 -0.75 -7.87 0.83
N GLY A 306 0.49 -7.81 0.33
CA GLY A 306 1.01 -6.61 -0.29
C GLY A 306 0.66 -6.50 -1.75
N ASP A 307 1.40 -5.68 -2.43
CA ASP A 307 1.05 -5.31 -3.79
C ASP A 307 0.93 -6.50 -4.77
N VAL A 308 1.80 -7.51 -4.61
CA VAL A 308 1.75 -8.73 -5.44
C VAL A 308 0.35 -9.34 -5.42
N ALA A 309 -0.25 -9.40 -4.23
CA ALA A 309 -1.62 -9.93 -4.11
C ALA A 309 -2.69 -8.93 -4.58
N LEU A 310 -2.50 -7.67 -4.20
CA LEU A 310 -3.47 -6.64 -4.56
C LEU A 310 -3.60 -6.52 -6.07
N LYS A 311 -2.50 -6.70 -6.82
CA LYS A 311 -2.54 -6.62 -8.27
C LYS A 311 -3.57 -7.58 -8.91
N ALA A 312 -3.96 -8.64 -8.21
CA ALA A 312 -4.82 -9.65 -8.82
C ALA A 312 -6.28 -9.25 -8.78
N ALA A 313 -6.60 -8.11 -8.16
CA ALA A 313 -7.99 -7.85 -7.80
C ALA A 313 -8.27 -6.34 -7.79
N LEU A 314 -9.56 -5.98 -7.77
CA LEU A 314 -9.98 -4.66 -7.36
C LEU A 314 -10.28 -4.83 -5.86
N VAL A 315 -9.66 -4.03 -5.01
CA VAL A 315 -9.75 -4.28 -3.57
C VAL A 315 -10.47 -3.09 -2.94
N VAL A 316 -11.53 -3.39 -2.20
CA VAL A 316 -12.42 -2.34 -1.63
C VAL A 316 -12.18 -2.25 -0.12
N PHE A 317 -11.68 -1.10 0.33
CA PHE A 317 -11.42 -0.85 1.73
C PHE A 317 -12.64 -0.04 2.21
N ASP A 318 -13.58 -0.74 2.85
CA ASP A 318 -14.87 -0.15 3.23
C ASP A 318 -14.82 0.31 4.69
N LEU A 319 -14.59 1.60 4.88
CA LEU A 319 -14.44 2.15 6.25
C LEU A 319 -15.81 2.27 6.93
N GLY A 320 -16.88 2.38 6.13
CA GLY A 320 -18.23 2.48 6.71
C GLY A 320 -18.72 1.18 7.32
N ASN A 321 -18.34 0.05 6.70
CA ASN A 321 -18.78 -1.23 7.22
C ASN A 321 -17.62 -2.01 7.87
N GLU A 322 -16.41 -1.42 7.90
CA GLU A 322 -15.24 -2.16 8.37
C GLU A 322 -15.14 -3.56 7.77
N ARG A 323 -15.15 -3.57 6.45
CA ARG A 323 -14.96 -4.82 5.70
C ARG A 323 -14.04 -4.58 4.50
N LEU A 324 -13.53 -5.67 3.96
CA LEU A 324 -12.55 -5.64 2.90
C LEU A 324 -13.11 -6.48 1.76
N GLY A 325 -13.19 -5.90 0.58
CA GLY A 325 -13.76 -6.56 -0.57
C GLY A 325 -12.69 -6.88 -1.61
N TRP A 326 -12.86 -8.01 -2.32
CA TRP A 326 -11.90 -8.40 -3.38
C TRP A 326 -12.73 -8.81 -4.59
N ALA A 327 -12.48 -8.19 -5.73
CA ALA A 327 -13.13 -8.63 -6.97
C ALA A 327 -12.03 -9.12 -7.89
N GLN A 328 -12.21 -10.31 -8.43
CA GLN A 328 -11.18 -10.86 -9.31
C GLN A 328 -10.93 -9.98 -10.54
N LYS A 329 -9.65 -9.69 -10.83
CA LYS A 329 -9.29 -8.92 -12.03
C LYS A 329 -8.59 -9.88 -13.02
#